data_4MEJ
#
_entry.id   4MEJ
#
_cell.length_a   79.695
_cell.length_b   79.695
_cell.length_c   186.697
_cell.angle_alpha   90.00
_cell.angle_beta   90.00
_cell.angle_gamma   90.00
#
_symmetry.space_group_name_H-M   'P 43 21 2'
#
loop_
_entity.id
_entity.type
_entity.pdbx_description
1 polymer 'Nucleoside deoxyribosyltransferase'
2 non-polymer 'SULFATE ION'
3 non-polymer 3H-imidazo[2,1-b]purin-4(5H)-one
4 water water
#
_entity_poly.entity_id   1
_entity_poly.type   'polypeptide(L)'
_entity_poly.pdbx_seq_one_letter_code
;MKAVVPTGKIYLGSPFYSDAQRERAAKAKELLAKNPSIAHVFFPFDDGFTDPDEKNPEIGGIRSMVWRDATYQNDLTGIS
NATCGVFLYDMDQLDDGSAFEIGFMRAMHKPVILVPFTEHPEKEKKMNLMIAQGVTTIIDGNTEFEKLADYNFNECPSNP
VRGYGIY
;
_entity_poly.pdbx_strand_id   A,B,C
#
loop_
_chem_comp.id
_chem_comp.type
_chem_comp.name
_chem_comp.formula
28Y non-polymer 3H-imidazo[2,1-b]purin-4(5H)-one 'C7 H5 N5 O'
SO4 non-polymer 'SULFATE ION' 'O4 S -2'
#
# COMPACT_ATOMS: atom_id res chain seq x y z
N MET A 1 7.73 -15.08 3.87
CA MET A 1 8.33 -16.41 3.97
C MET A 1 8.09 -17.21 2.70
N LYS A 2 6.83 -17.30 2.30
CA LYS A 2 6.42 -17.92 1.04
C LYS A 2 4.99 -17.44 0.83
N ALA A 3 4.71 -16.84 -0.33
CA ALA A 3 3.42 -16.20 -0.54
C ALA A 3 2.33 -17.20 -0.91
N VAL A 4 1.13 -16.94 -0.39
CA VAL A 4 -0.04 -17.76 -0.69
C VAL A 4 -0.51 -17.40 -2.09
N VAL A 5 -0.48 -16.10 -2.38
CA VAL A 5 -0.71 -15.58 -3.73
C VAL A 5 0.39 -14.58 -4.06
N PRO A 6 0.65 -14.35 -5.36
CA PRO A 6 1.65 -13.32 -5.70
C PRO A 6 1.22 -11.94 -5.21
N THR A 7 2.15 -11.17 -4.68
CA THR A 7 1.81 -9.87 -4.12
C THR A 7 2.59 -8.73 -4.77
N GLY A 8 3.59 -9.09 -5.56
CA GLY A 8 4.39 -8.10 -6.27
C GLY A 8 3.55 -7.28 -7.23
N LYS A 9 3.57 -5.97 -7.05
CA LYS A 9 2.91 -5.06 -7.98
C LYS A 9 3.92 -4.05 -8.47
N ILE A 10 4.27 -4.18 -9.74
CA ILE A 10 5.42 -3.50 -10.31
C ILE A 10 5.03 -2.20 -11.00
N TYR A 11 5.71 -1.11 -10.67
CA TYR A 11 5.65 0.07 -11.52
C TYR A 11 6.87 0.01 -12.42
N LEU A 12 6.65 -0.21 -13.72
CA LEU A 12 7.76 -0.34 -14.64
C LEU A 12 8.01 1.00 -15.32
N GLY A 13 9.07 1.68 -14.89
CA GLY A 13 9.38 3.01 -15.39
C GLY A 13 10.46 2.99 -16.45
N SER A 14 10.18 3.60 -17.59
CA SER A 14 11.12 3.64 -18.70
C SER A 14 10.72 4.66 -19.76
N PRO A 15 11.71 5.28 -20.41
CA PRO A 15 11.47 6.09 -21.61
C PRO A 15 10.97 5.21 -22.74
N PHE A 16 10.25 5.78 -23.71
CA PHE A 16 9.62 4.97 -24.75
C PHE A 16 9.67 5.64 -26.12
N TYR A 17 10.81 6.26 -26.42
CA TYR A 17 10.99 6.95 -27.69
C TYR A 17 11.73 6.08 -28.72
N SER A 18 12.98 5.75 -28.42
CA SER A 18 13.83 5.01 -29.36
C SER A 18 13.37 3.56 -29.53
N ASP A 19 13.78 2.93 -30.61
CA ASP A 19 13.57 1.49 -30.78
C ASP A 19 14.26 0.69 -29.67
N ALA A 20 15.43 1.16 -29.25
CA ALA A 20 16.21 0.48 -28.23
C ALA A 20 15.44 0.44 -26.91
N GLN A 21 14.90 1.61 -26.55
CA GLN A 21 14.09 1.79 -25.35
C GLN A 21 12.84 0.89 -25.38
N ARG A 22 12.13 0.93 -26.50
CA ARG A 22 10.91 0.15 -26.68
C ARG A 22 11.20 -1.35 -26.58
N GLU A 23 12.36 -1.75 -27.11
CA GLU A 23 12.79 -3.13 -27.09
C GLU A 23 13.10 -3.57 -25.65
N ARG A 24 13.85 -2.75 -24.94
CA ARG A 24 14.13 -2.98 -23.52
C ARG A 24 12.84 -3.17 -22.74
N ALA A 25 11.91 -2.25 -22.91
CA ALA A 25 10.62 -2.32 -22.22
C ALA A 25 9.90 -3.62 -22.54
N ALA A 26 9.88 -3.99 -23.83
CA ALA A 26 9.21 -5.22 -24.26
C ALA A 26 9.82 -6.47 -23.62
N LYS A 27 11.14 -6.57 -23.65
CA LYS A 27 11.84 -7.70 -23.06
C LYS A 27 11.64 -7.76 -21.54
N ALA A 28 11.68 -6.59 -20.92
CA ALA A 28 11.43 -6.48 -19.49
C ALA A 28 10.06 -7.02 -19.14
N LYS A 29 9.07 -6.62 -19.94
CA LYS A 29 7.70 -7.06 -19.77
C LYS A 29 7.59 -8.58 -19.86
N GLU A 30 8.24 -9.13 -20.89
CA GLU A 30 8.22 -10.58 -21.09
C GLU A 30 8.87 -11.32 -19.91
N LEU A 31 10.00 -10.81 -19.44
CA LEU A 31 10.71 -11.38 -18.31
C LEU A 31 9.86 -11.36 -17.04
N LEU A 32 9.23 -10.22 -16.78
CA LEU A 32 8.39 -10.06 -15.58
C LEU A 32 7.18 -10.99 -15.64
N ALA A 33 6.65 -11.19 -16.85
CA ALA A 33 5.51 -12.09 -17.03
C ALA A 33 5.82 -13.52 -16.60
N LYS A 34 7.10 -13.89 -16.58
CA LYS A 34 7.51 -15.22 -16.14
C LYS A 34 7.73 -15.32 -14.63
N ASN A 35 7.59 -14.21 -13.92
CA ASN A 35 7.90 -14.19 -12.50
C ASN A 35 6.65 -14.48 -11.67
N PRO A 36 6.68 -15.58 -10.91
CA PRO A 36 5.54 -16.06 -10.13
C PRO A 36 5.26 -15.23 -8.87
N SER A 37 6.15 -14.30 -8.56
CA SER A 37 5.97 -13.43 -7.40
C SER A 37 5.15 -12.19 -7.75
N ILE A 38 4.88 -12.00 -9.04
CA ILE A 38 4.25 -10.78 -9.52
C ILE A 38 2.74 -10.93 -9.72
N ALA A 39 1.97 -10.06 -9.10
CA ALA A 39 0.52 -10.04 -9.25
C ALA A 39 0.09 -9.13 -10.40
N HIS A 40 0.85 -8.06 -10.62
CA HIS A 40 0.49 -7.06 -11.62
C HIS A 40 1.69 -6.21 -12.05
N VAL A 41 1.72 -5.83 -13.31
CA VAL A 41 2.75 -4.91 -13.81
C VAL A 41 2.08 -3.74 -14.51
N PHE A 42 2.48 -2.52 -14.14
CA PHE A 42 1.98 -1.31 -14.79
C PHE A 42 3.08 -0.64 -15.61
N PHE A 43 2.78 -0.37 -16.87
CA PHE A 43 3.69 0.37 -17.74
C PHE A 43 2.97 1.57 -18.31
N PRO A 44 3.45 2.78 -17.96
CA PRO A 44 2.79 4.05 -18.25
C PRO A 44 2.38 4.25 -19.71
N PHE A 45 3.19 3.75 -20.64
CA PHE A 45 2.98 4.01 -22.06
C PHE A 45 1.98 3.05 -22.72
N ASP A 46 1.58 2.00 -22.00
CA ASP A 46 0.69 0.98 -22.57
C ASP A 46 -0.67 1.53 -23.02
N ASP A 47 -1.30 2.31 -22.16
CA ASP A 47 -2.60 2.86 -22.50
C ASP A 47 -2.43 4.32 -22.85
N GLY A 48 -3.45 5.11 -22.55
CA GLY A 48 -3.38 6.53 -22.83
C GLY A 48 -4.69 7.22 -22.52
N PHE A 49 -4.59 8.48 -22.15
CA PHE A 49 -5.76 9.31 -21.95
C PHE A 49 -6.01 10.08 -23.23
N THR A 50 -7.28 10.22 -23.58
CA THR A 50 -7.65 10.98 -24.76
C THR A 50 -8.50 12.17 -24.33
N ASP A 51 -7.99 13.36 -24.58
CA ASP A 51 -8.73 14.58 -24.31
C ASP A 51 -9.57 14.91 -25.53
N PRO A 52 -10.90 14.78 -25.41
CA PRO A 52 -11.83 15.05 -26.50
C PRO A 52 -11.67 16.45 -27.07
N ASP A 53 -11.28 17.39 -26.21
CA ASP A 53 -11.14 18.79 -26.61
C ASP A 53 -9.77 19.10 -27.23
N GLU A 54 -8.91 18.08 -27.31
CA GLU A 54 -7.58 18.30 -27.87
C GLU A 54 -7.58 18.00 -29.36
N LYS A 55 -7.27 19.02 -30.16
CA LYS A 55 -7.26 18.87 -31.60
C LYS A 55 -5.85 18.58 -32.10
N ASN A 56 -5.73 17.52 -32.89
CA ASN A 56 -4.48 17.13 -33.53
C ASN A 56 -3.31 17.08 -32.55
N PRO A 57 -3.43 16.30 -31.45
CA PRO A 57 -2.33 16.37 -30.51
C PRO A 57 -1.09 15.66 -31.03
N GLU A 58 0.07 16.27 -30.79
CA GLU A 58 1.34 15.76 -31.28
C GLU A 58 2.22 15.31 -30.11
N ILE A 59 2.81 14.13 -30.22
CA ILE A 59 3.80 13.70 -29.22
C ILE A 59 4.94 14.70 -29.19
N GLY A 60 5.23 15.26 -28.01
CA GLY A 60 6.37 16.15 -27.86
C GLY A 60 5.97 17.58 -28.14
N GLY A 61 4.69 17.76 -28.48
CA GLY A 61 4.12 19.06 -28.80
C GLY A 61 3.43 19.67 -27.59
N ILE A 62 2.88 20.88 -27.76
CA ILE A 62 2.14 21.52 -26.69
C ILE A 62 0.89 20.68 -26.41
N ARG A 63 0.74 20.20 -25.18
CA ARG A 63 -0.40 19.36 -24.83
C ARG A 63 -1.38 20.12 -23.94
N SER A 64 -2.65 19.75 -24.02
CA SER A 64 -3.68 20.38 -23.19
C SER A 64 -3.42 20.08 -21.73
N MET A 65 -3.84 20.98 -20.86
CA MET A 65 -3.63 20.82 -19.42
C MET A 65 -4.40 19.62 -18.88
N VAL A 66 -5.57 19.35 -19.47
CA VAL A 66 -6.35 18.18 -19.10
C VAL A 66 -5.59 16.88 -19.39
N TRP A 67 -4.98 16.78 -20.56
CA TRP A 67 -4.20 15.60 -20.91
C TRP A 67 -3.01 15.44 -19.99
N ARG A 68 -2.35 16.56 -19.72
CA ARG A 68 -1.18 16.58 -18.85
C ARG A 68 -1.55 16.06 -17.46
N ASP A 69 -2.62 16.62 -16.90
CA ASP A 69 -3.10 16.23 -15.57
C ASP A 69 -3.48 14.76 -15.51
N ALA A 70 -4.28 14.32 -16.47
CA ALA A 70 -4.77 12.94 -16.48
C ALA A 70 -3.64 11.94 -16.63
N THR A 71 -2.65 12.27 -17.46
CA THR A 71 -1.56 11.34 -17.74
C THR A 71 -0.59 11.26 -16.54
N TYR A 72 -0.22 12.44 -16.03
CA TYR A 72 0.62 12.54 -14.85
C TYR A 72 -0.02 11.78 -13.69
N GLN A 73 -1.33 11.97 -13.53
CA GLN A 73 -2.06 11.30 -12.47
C GLN A 73 -2.14 9.79 -12.69
N ASN A 74 -2.27 9.35 -13.95
CA ASN A 74 -2.22 7.92 -14.22
C ASN A 74 -0.90 7.32 -13.75
N ASP A 75 0.20 8.05 -13.98
CA ASP A 75 1.49 7.58 -13.46
C ASP A 75 1.57 7.56 -11.94
N LEU A 76 1.13 8.64 -11.31
CA LEU A 76 1.17 8.71 -9.84
C LEU A 76 0.31 7.60 -9.23
N THR A 77 -0.81 7.31 -9.88
CA THR A 77 -1.70 6.24 -9.46
C THR A 77 -1.01 4.90 -9.59
N GLY A 78 -0.26 4.73 -10.69
CA GLY A 78 0.54 3.53 -10.86
C GLY A 78 1.54 3.35 -9.74
N ILE A 79 2.20 4.45 -9.36
CA ILE A 79 3.14 4.43 -8.24
C ILE A 79 2.46 4.11 -6.91
N SER A 80 1.27 4.69 -6.71
CA SER A 80 0.49 4.46 -5.49
C SER A 80 0.09 2.98 -5.35
N ASN A 81 -0.47 2.41 -6.41
CA ASN A 81 -0.89 1.02 -6.42
C ASN A 81 0.29 0.04 -6.27
N ALA A 82 1.45 0.44 -6.77
CA ALA A 82 2.62 -0.46 -6.82
C ALA A 82 3.19 -0.73 -5.43
N THR A 83 3.80 -1.90 -5.28
CA THR A 83 4.56 -2.23 -4.08
C THR A 83 6.03 -1.89 -4.26
N CYS A 84 6.48 -1.83 -5.52
CA CYS A 84 7.87 -1.54 -5.84
C CYS A 84 8.05 -0.99 -7.25
N GLY A 85 9.18 -0.33 -7.47
CA GLY A 85 9.50 0.21 -8.78
C GLY A 85 10.64 -0.54 -9.45
N VAL A 86 10.50 -0.78 -10.75
CA VAL A 86 11.56 -1.34 -11.56
C VAL A 86 11.85 -0.38 -12.70
N PHE A 87 13.05 0.21 -12.71
CA PHE A 87 13.36 1.25 -13.68
C PHE A 87 14.45 0.85 -14.69
N LEU A 88 14.06 0.86 -15.96
CA LEU A 88 14.98 0.61 -17.05
C LEU A 88 15.75 1.89 -17.30
N TYR A 89 16.94 1.97 -16.70
CA TYR A 89 17.60 3.25 -16.51
C TYR A 89 18.79 3.44 -17.46
N ASP A 90 18.58 4.27 -18.49
CA ASP A 90 19.60 4.53 -19.49
C ASP A 90 20.68 5.43 -18.90
N MET A 91 21.88 4.89 -18.73
CA MET A 91 22.99 5.64 -18.16
C MET A 91 23.64 6.58 -19.18
N ASP A 92 23.31 6.38 -20.46
CA ASP A 92 23.86 7.20 -21.53
C ASP A 92 23.06 8.47 -21.77
N GLN A 93 21.73 8.35 -21.69
CA GLN A 93 20.86 9.50 -21.76
C GLN A 93 19.96 9.52 -20.54
N LEU A 94 20.33 10.32 -19.54
CA LEU A 94 19.62 10.31 -18.27
C LEU A 94 18.20 10.85 -18.42
N ASP A 95 17.22 10.05 -18.00
CA ASP A 95 15.82 10.43 -18.09
C ASP A 95 15.36 11.00 -16.75
N ASP A 96 15.04 12.29 -16.73
CA ASP A 96 14.67 12.95 -15.49
C ASP A 96 13.28 12.57 -14.98
N GLY A 97 12.41 12.12 -15.89
CA GLY A 97 11.13 11.56 -15.49
C GLY A 97 11.27 10.36 -14.58
N SER A 98 12.07 9.39 -15.03
CA SER A 98 12.34 8.18 -14.25
C SER A 98 12.95 8.51 -12.91
N ALA A 99 13.88 9.47 -12.90
CA ALA A 99 14.53 9.89 -11.66
C ALA A 99 13.51 10.53 -10.71
N PHE A 100 12.64 11.38 -11.25
CA PHE A 100 11.53 11.95 -10.50
C PHE A 100 10.74 10.85 -9.82
N GLU A 101 10.39 9.83 -10.60
CA GLU A 101 9.57 8.73 -10.09
C GLU A 101 10.28 7.92 -9.01
N ILE A 102 11.58 7.70 -9.18
CA ILE A 102 12.40 7.03 -8.18
C ILE A 102 12.38 7.80 -6.85
N GLY A 103 12.61 9.11 -6.93
CA GLY A 103 12.54 9.95 -5.74
C GLY A 103 11.17 9.91 -5.07
N PHE A 104 10.12 9.96 -5.89
CA PHE A 104 8.76 9.91 -5.39
C PHE A 104 8.51 8.62 -4.63
N MET A 105 8.91 7.50 -5.22
CA MET A 105 8.71 6.19 -4.60
C MET A 105 9.52 6.01 -3.32
N ARG A 106 10.75 6.52 -3.30
CA ARG A 106 11.57 6.43 -2.11
C ARG A 106 11.02 7.30 -0.97
N ALA A 107 10.44 8.44 -1.33
CA ALA A 107 9.79 9.26 -0.31
C ALA A 107 8.60 8.54 0.31
N MET A 108 8.01 7.61 -0.44
CA MET A 108 6.93 6.76 0.06
C MET A 108 7.45 5.49 0.72
N HIS A 109 8.78 5.39 0.86
CA HIS A 109 9.46 4.23 1.47
C HIS A 109 9.31 2.93 0.68
N LYS A 110 8.94 3.02 -0.59
CA LYS A 110 8.82 1.81 -1.40
C LYS A 110 10.17 1.40 -1.99
N PRO A 111 10.39 0.08 -2.13
CA PRO A 111 11.65 -0.41 -2.71
C PRO A 111 11.76 -0.10 -4.20
N VAL A 112 12.96 0.17 -4.67
CA VAL A 112 13.19 0.49 -6.07
C VAL A 112 14.30 -0.36 -6.65
N ILE A 113 13.97 -1.12 -7.68
CA ILE A 113 14.97 -1.91 -8.40
C ILE A 113 15.48 -1.13 -9.60
N LEU A 114 16.78 -0.84 -9.61
CA LEU A 114 17.38 -0.12 -10.72
C LEU A 114 17.97 -1.10 -11.72
N VAL A 115 17.63 -0.93 -12.98
CA VAL A 115 18.15 -1.79 -14.04
C VAL A 115 18.86 -0.91 -15.05
N PRO A 116 20.16 -0.63 -14.79
CA PRO A 116 20.91 0.32 -15.62
C PRO A 116 21.41 -0.29 -16.93
N PHE A 117 21.39 0.50 -17.99
CA PHE A 117 21.88 0.09 -19.29
C PHE A 117 22.90 1.09 -19.80
N THR A 118 23.98 0.61 -20.40
CA THR A 118 24.90 1.50 -21.10
C THR A 118 25.45 0.80 -22.34
N GLU A 119 25.68 1.59 -23.39
CA GLU A 119 26.29 1.08 -24.61
C GLU A 119 27.72 1.58 -24.72
N HIS A 120 28.21 2.22 -23.67
CA HIS A 120 29.58 2.73 -23.65
C HIS A 120 30.29 2.30 -22.37
N PRO A 121 30.60 0.99 -22.28
CA PRO A 121 31.35 0.43 -21.14
C PRO A 121 32.76 1.01 -21.02
N GLU A 122 33.27 1.58 -22.10
CA GLU A 122 34.60 2.17 -22.08
C GLU A 122 34.65 3.47 -21.30
N LYS A 123 33.49 4.10 -21.09
CA LYS A 123 33.46 5.34 -20.35
C LYS A 123 33.43 5.04 -18.86
N GLU A 124 33.78 6.03 -18.04
CA GLU A 124 33.80 5.88 -16.59
C GLU A 124 32.44 5.43 -16.07
N LYS A 125 32.45 4.63 -15.01
CA LYS A 125 31.22 4.10 -14.45
C LYS A 125 30.82 4.96 -13.27
N LYS A 126 29.89 5.87 -13.52
CA LYS A 126 29.52 6.89 -12.55
C LYS A 126 28.02 6.99 -12.36
N MET A 127 27.62 7.42 -11.18
CA MET A 127 26.21 7.54 -10.83
C MET A 127 26.03 8.72 -9.88
N ASN A 128 24.90 9.40 -10.03
CA ASN A 128 24.52 10.45 -9.09
C ASN A 128 24.27 9.83 -7.72
N LEU A 129 24.74 10.52 -6.69
CA LEU A 129 24.61 10.05 -5.32
C LEU A 129 23.17 9.73 -4.93
N MET A 130 22.24 10.57 -5.38
CA MET A 130 20.84 10.40 -5.02
C MET A 130 20.24 9.14 -5.62
N ILE A 131 20.68 8.78 -6.82
CA ILE A 131 20.22 7.54 -7.45
C ILE A 131 20.88 6.32 -6.81
N ALA A 132 22.20 6.40 -6.60
CA ALA A 132 22.96 5.28 -6.06
C ALA A 132 22.53 4.93 -4.64
N GLN A 133 22.19 5.95 -3.86
CA GLN A 133 21.79 5.74 -2.46
C GLN A 133 20.29 5.60 -2.31
N GLY A 134 19.55 6.19 -3.25
CA GLY A 134 18.09 6.13 -3.23
C GLY A 134 17.60 4.74 -3.57
N VAL A 135 18.21 4.14 -4.58
CA VAL A 135 17.81 2.81 -5.05
C VAL A 135 18.14 1.75 -4.00
N THR A 136 17.28 0.74 -3.88
CA THR A 136 17.46 -0.30 -2.87
C THR A 136 18.02 -1.61 -3.44
N THR A 137 17.78 -1.84 -4.73
CA THR A 137 18.31 -3.03 -5.40
C THR A 137 18.78 -2.71 -6.81
N ILE A 138 20.01 -3.09 -7.13
CA ILE A 138 20.51 -2.93 -8.50
C ILE A 138 20.62 -4.29 -9.21
N ILE A 139 20.10 -4.33 -10.43
CA ILE A 139 20.23 -5.50 -11.30
C ILE A 139 20.71 -4.98 -12.65
N ASP A 140 21.94 -5.34 -13.01
CA ASP A 140 22.56 -4.78 -14.22
C ASP A 140 21.78 -5.21 -15.45
N GLY A 141 21.43 -4.25 -16.30
CA GLY A 141 20.58 -4.52 -17.45
C GLY A 141 21.33 -5.19 -18.57
N ASN A 142 22.62 -4.85 -18.69
CA ASN A 142 23.45 -5.42 -19.74
C ASN A 142 23.84 -6.88 -19.50
N THR A 143 24.04 -7.24 -18.23
CA THR A 143 24.55 -8.57 -17.90
C THR A 143 23.61 -9.43 -17.05
N GLU A 144 22.62 -8.80 -16.41
CA GLU A 144 21.79 -9.52 -15.44
C GLU A 144 20.30 -9.33 -15.65
N PHE A 145 19.91 -8.81 -16.82
CA PHE A 145 18.52 -8.51 -17.15
C PHE A 145 17.56 -9.66 -16.79
N GLU A 146 17.99 -10.87 -17.11
CA GLU A 146 17.15 -12.06 -16.96
C GLU A 146 16.74 -12.32 -15.52
N LYS A 147 17.48 -11.73 -14.58
CA LYS A 147 17.18 -11.89 -13.18
C LYS A 147 15.80 -11.34 -12.83
N LEU A 148 15.26 -10.46 -13.69
CA LEU A 148 13.91 -9.94 -13.47
C LEU A 148 12.87 -11.07 -13.50
N ALA A 149 13.21 -12.19 -14.11
CA ALA A 149 12.29 -13.32 -14.22
C ALA A 149 12.21 -14.13 -12.92
N ASP A 150 13.23 -14.05 -12.09
CA ASP A 150 13.36 -14.90 -10.91
C ASP A 150 13.31 -14.15 -9.58
N TYR A 151 13.55 -12.84 -9.64
CA TYR A 151 13.57 -11.99 -8.44
C TYR A 151 12.28 -12.07 -7.63
N ASN A 152 12.42 -12.19 -6.30
CA ASN A 152 11.26 -12.30 -5.41
C ASN A 152 10.67 -10.94 -5.09
N PHE A 153 9.66 -10.54 -5.84
CA PHE A 153 9.03 -9.23 -5.64
C PHE A 153 8.04 -9.22 -4.48
N ASN A 154 7.84 -10.36 -3.84
CA ASN A 154 7.04 -10.40 -2.62
C ASN A 154 7.77 -9.73 -1.45
N GLU A 155 9.10 -9.72 -1.51
CA GLU A 155 9.91 -9.27 -0.38
C GLU A 155 10.98 -8.25 -0.79
N CYS A 156 11.34 -8.25 -2.07
CA CYS A 156 12.31 -7.30 -2.63
C CYS A 156 13.59 -7.15 -1.80
N PRO A 157 14.39 -8.22 -1.70
CA PRO A 157 15.66 -8.18 -0.95
C PRO A 157 16.63 -7.11 -1.46
N SER A 158 17.33 -6.47 -0.53
CA SER A 158 18.23 -5.36 -0.87
C SER A 158 19.49 -5.82 -1.62
N ASN A 159 20.08 -4.90 -2.38
CA ASN A 159 21.37 -5.11 -3.02
C ASN A 159 21.94 -3.75 -3.41
N PRO A 160 22.71 -3.14 -2.49
CA PRO A 160 23.22 -1.77 -2.63
C PRO A 160 24.12 -1.57 -3.82
N VAL A 161 24.07 -0.39 -4.42
CA VAL A 161 24.90 -0.07 -5.58
C VAL A 161 26.37 -0.02 -5.20
N ARG A 162 27.19 -0.78 -5.92
CA ARG A 162 28.62 -0.80 -5.71
C ARG A 162 29.33 -0.85 -7.06
N GLY A 163 30.55 -0.31 -7.13
CA GLY A 163 31.32 -0.34 -8.35
C GLY A 163 31.11 0.87 -9.26
N TYR A 164 30.30 1.82 -8.80
CA TYR A 164 30.11 3.07 -9.54
C TYR A 164 30.80 4.22 -8.83
N GLY A 165 31.51 5.05 -9.58
CA GLY A 165 32.02 6.30 -9.04
C GLY A 165 30.82 7.16 -8.68
N ILE A 166 30.94 7.97 -7.63
CA ILE A 166 29.78 8.68 -7.14
C ILE A 166 29.95 10.18 -7.27
N TYR A 167 29.01 10.83 -7.96
CA TYR A 167 29.04 12.29 -8.07
C TYR A 167 27.71 12.90 -7.63
N MET B 1 -0.74 -3.62 -17.15
CA MET B 1 -1.17 -4.80 -17.90
C MET B 1 -2.25 -5.60 -17.20
N LYS B 2 -2.67 -6.68 -17.85
CA LYS B 2 -3.60 -7.64 -17.26
C LYS B 2 -3.06 -8.22 -15.95
N ALA B 3 -3.89 -8.17 -14.92
CA ALA B 3 -3.47 -8.61 -13.59
C ALA B 3 -3.51 -10.13 -13.53
N VAL B 4 -2.54 -10.71 -12.83
CA VAL B 4 -2.49 -12.16 -12.67
C VAL B 4 -3.57 -12.59 -11.68
N VAL B 5 -3.73 -11.79 -10.64
CA VAL B 5 -4.83 -11.92 -9.69
C VAL B 5 -5.42 -10.53 -9.48
N PRO B 6 -6.70 -10.45 -9.06
CA PRO B 6 -7.25 -9.13 -8.78
C PRO B 6 -6.49 -8.42 -7.66
N THR B 7 -6.25 -7.12 -7.83
CA THR B 7 -5.47 -6.35 -6.86
C THR B 7 -6.25 -5.16 -6.33
N GLY B 8 -7.39 -4.88 -6.94
CA GLY B 8 -8.24 -3.80 -6.51
C GLY B 8 -8.74 -3.98 -5.09
N LYS B 9 -8.43 -3.01 -4.23
CA LYS B 9 -8.96 -3.01 -2.87
C LYS B 9 -9.66 -1.68 -2.63
N ILE B 10 -10.98 -1.74 -2.57
CA ILE B 10 -11.81 -0.54 -2.58
C ILE B 10 -12.25 -0.13 -1.18
N TYR B 11 -12.05 1.15 -0.87
CA TYR B 11 -12.70 1.77 0.26
C TYR B 11 -13.97 2.43 -0.25
N LEU B 12 -15.12 1.90 0.15
CA LEU B 12 -16.40 2.40 -0.32
C LEU B 12 -16.99 3.39 0.67
N GLY B 13 -16.95 4.67 0.32
CA GLY B 13 -17.41 5.72 1.21
C GLY B 13 -18.81 6.20 0.87
N SER B 14 -19.69 6.20 1.88
CA SER B 14 -21.06 6.64 1.70
C SER B 14 -21.75 6.81 3.05
N PRO B 15 -22.66 7.80 3.15
CA PRO B 15 -23.55 7.88 4.31
C PRO B 15 -24.51 6.69 4.31
N PHE B 16 -25.03 6.29 5.47
CA PHE B 16 -25.84 5.08 5.54
C PHE B 16 -27.03 5.17 6.49
N TYR B 17 -27.70 6.31 6.50
CA TYR B 17 -28.86 6.49 7.36
C TYR B 17 -30.16 6.29 6.60
N SER B 18 -30.41 7.19 5.65
CA SER B 18 -31.67 7.23 4.92
C SER B 18 -31.86 6.09 3.92
N ASP B 19 -33.12 5.88 3.55
CA ASP B 19 -33.43 5.08 2.38
C ASP B 19 -32.80 5.83 1.20
N ALA B 20 -32.55 5.14 0.11
CA ALA B 20 -31.88 5.75 -1.03
C ALA B 20 -30.37 5.69 -0.84
N GLN B 21 -29.90 6.22 0.27
CA GLN B 21 -28.47 6.16 0.61
C GLN B 21 -28.08 4.69 0.76
N ARG B 22 -28.86 3.99 1.57
CA ARG B 22 -28.66 2.56 1.82
C ARG B 22 -28.84 1.74 0.55
N GLU B 23 -29.82 2.15 -0.26
CA GLU B 23 -30.09 1.48 -1.52
C GLU B 23 -28.92 1.68 -2.47
N ARG B 24 -28.45 2.93 -2.55
CA ARG B 24 -27.26 3.26 -3.33
C ARG B 24 -26.11 2.36 -2.93
N ALA B 25 -25.86 2.29 -1.63
CA ALA B 25 -24.76 1.47 -1.11
C ALA B 25 -24.89 0.01 -1.51
N ALA B 26 -26.09 -0.53 -1.37
CA ALA B 26 -26.34 -1.93 -1.72
C ALA B 26 -26.07 -2.21 -3.20
N LYS B 27 -26.60 -1.33 -4.06
CA LYS B 27 -26.39 -1.47 -5.50
C LYS B 27 -24.90 -1.35 -5.86
N ALA B 28 -24.22 -0.43 -5.20
CA ALA B 28 -22.79 -0.24 -5.37
C ALA B 28 -22.05 -1.53 -5.05
N LYS B 29 -22.41 -2.13 -3.92
CA LYS B 29 -21.80 -3.38 -3.48
C LYS B 29 -22.02 -4.49 -4.51
N GLU B 30 -23.23 -4.61 -5.04
CA GLU B 30 -23.49 -5.64 -6.04
C GLU B 30 -22.66 -5.43 -7.32
N LEU B 31 -22.65 -4.18 -7.79
CA LEU B 31 -21.91 -3.82 -8.99
C LEU B 31 -20.43 -4.14 -8.83
N LEU B 32 -19.87 -3.77 -7.69
CA LEU B 32 -18.47 -4.02 -7.40
C LEU B 32 -18.20 -5.51 -7.29
N ALA B 33 -19.14 -6.24 -6.70
CA ALA B 33 -19.05 -7.69 -6.58
C ALA B 33 -19.00 -8.36 -7.94
N LYS B 34 -19.52 -7.70 -8.97
CA LYS B 34 -19.45 -8.27 -10.32
C LYS B 34 -18.16 -7.93 -11.06
N ASN B 35 -17.29 -7.14 -10.43
CA ASN B 35 -16.05 -6.67 -11.09
C ASN B 35 -14.86 -7.58 -10.83
N PRO B 36 -14.29 -8.16 -11.89
CA PRO B 36 -13.19 -9.13 -11.80
C PRO B 36 -11.84 -8.51 -11.44
N SER B 37 -11.76 -7.18 -11.40
CA SER B 37 -10.50 -6.51 -11.04
C SER B 37 -10.36 -6.32 -9.53
N ILE B 38 -11.42 -6.63 -8.80
CA ILE B 38 -11.48 -6.32 -7.37
C ILE B 38 -11.15 -7.52 -6.48
N ALA B 39 -10.18 -7.33 -5.59
CA ALA B 39 -9.77 -8.33 -4.62
C ALA B 39 -10.56 -8.22 -3.32
N HIS B 40 -10.93 -7.00 -2.96
CA HIS B 40 -11.62 -6.75 -1.69
C HIS B 40 -12.35 -5.42 -1.70
N VAL B 41 -13.50 -5.38 -1.01
CA VAL B 41 -14.25 -4.15 -0.83
C VAL B 41 -14.50 -3.95 0.66
N PHE B 42 -14.17 -2.76 1.16
CA PHE B 42 -14.45 -2.44 2.55
C PHE B 42 -15.53 -1.37 2.64
N PHE B 43 -16.58 -1.68 3.40
CA PHE B 43 -17.65 -0.72 3.65
C PHE B 43 -17.81 -0.55 5.15
N PRO B 44 -17.55 0.67 5.62
CA PRO B 44 -17.46 1.04 7.04
C PRO B 44 -18.66 0.59 7.89
N PHE B 45 -19.85 0.63 7.33
CA PHE B 45 -21.07 0.38 8.09
C PHE B 45 -21.42 -1.11 8.22
N ASP B 46 -20.72 -1.97 7.49
CA ASP B 46 -21.01 -3.40 7.48
C ASP B 46 -20.88 -4.06 8.84
N ASP B 47 -19.78 -3.80 9.53
CA ASP B 47 -19.58 -4.36 10.86
C ASP B 47 -19.80 -3.28 11.90
N GLY B 48 -19.10 -3.38 13.01
CA GLY B 48 -19.22 -2.40 14.06
C GLY B 48 -18.43 -2.80 15.28
N PHE B 49 -17.97 -1.80 16.02
CA PHE B 49 -17.31 -2.06 17.29
C PHE B 49 -18.32 -1.96 18.41
N THR B 50 -18.19 -2.85 19.39
CA THR B 50 -19.10 -2.83 20.54
C THR B 50 -18.31 -2.55 21.80
N ASP B 51 -18.60 -1.42 22.43
CA ASP B 51 -17.99 -1.09 23.71
C ASP B 51 -18.86 -1.65 24.83
N PRO B 52 -18.35 -2.66 25.53
CA PRO B 52 -19.05 -3.34 26.62
C PRO B 52 -19.55 -2.38 27.71
N ASP B 53 -18.80 -1.30 27.95
CA ASP B 53 -19.16 -0.34 28.99
C ASP B 53 -20.17 0.69 28.51
N GLU B 54 -20.57 0.59 27.24
CA GLU B 54 -21.52 1.53 26.68
C GLU B 54 -22.93 0.98 26.80
N LYS B 55 -23.77 1.66 27.56
CA LYS B 55 -25.14 1.21 27.77
C LYS B 55 -26.10 1.94 26.83
N ASN B 56 -26.89 1.16 26.10
CA ASN B 56 -27.93 1.68 25.21
C ASN B 56 -27.46 2.80 24.28
N PRO B 57 -26.41 2.55 23.49
CA PRO B 57 -25.90 3.64 22.65
C PRO B 57 -26.83 3.93 21.46
N GLU B 58 -26.96 5.21 21.13
CA GLU B 58 -27.85 5.67 20.07
C GLU B 58 -27.06 6.24 18.90
N ILE B 59 -27.45 5.92 17.67
CA ILE B 59 -26.90 6.59 16.50
C ILE B 59 -27.24 8.07 16.65
N GLY B 60 -26.24 8.95 16.59
CA GLY B 60 -26.54 10.37 16.64
C GLY B 60 -26.38 10.88 18.08
N GLY B 61 -26.52 9.95 19.02
CA GLY B 61 -26.31 10.17 20.44
C GLY B 61 -24.86 10.23 20.91
N ILE B 62 -24.67 10.61 22.17
CA ILE B 62 -23.33 10.66 22.77
C ILE B 62 -22.72 9.27 22.83
N ARG B 63 -21.55 9.12 22.22
CA ARG B 63 -20.87 7.84 22.17
C ARG B 63 -19.63 7.86 23.05
N SER B 64 -19.25 6.69 23.57
CA SER B 64 -18.04 6.57 24.39
C SER B 64 -16.81 6.88 23.55
N MET B 65 -15.75 7.37 24.19
CA MET B 65 -14.52 7.69 23.48
C MET B 65 -13.86 6.44 22.90
N VAL B 66 -14.01 5.32 23.61
CA VAL B 66 -13.50 4.03 23.11
C VAL B 66 -14.18 3.64 21.80
N TRP B 67 -15.51 3.75 21.74
CA TRP B 67 -16.23 3.42 20.52
C TRP B 67 -15.81 4.35 19.39
N ARG B 68 -15.68 5.63 19.70
CA ARG B 68 -15.29 6.64 18.73
C ARG B 68 -13.92 6.31 18.14
N ASP B 69 -12.97 6.04 19.02
CA ASP B 69 -11.61 5.69 18.61
C ASP B 69 -11.57 4.45 17.75
N ALA B 70 -12.24 3.40 18.21
CA ALA B 70 -12.23 2.12 17.51
C ALA B 70 -12.88 2.21 16.13
N THR B 71 -13.96 2.99 16.04
CA THR B 71 -14.70 3.10 14.78
C THR B 71 -13.95 3.96 13.77
N TYR B 72 -13.49 5.12 14.23
CA TYR B 72 -12.67 6.01 13.43
C TYR B 72 -11.43 5.27 12.91
N GLN B 73 -10.80 4.51 13.79
CA GLN B 73 -9.62 3.74 13.41
C GLN B 73 -9.99 2.62 12.43
N ASN B 74 -11.16 2.02 12.59
CA ASN B 74 -11.60 1.04 11.60
C ASN B 74 -11.68 1.67 10.21
N ASP B 75 -12.18 2.90 10.12
CA ASP B 75 -12.19 3.58 8.83
C ASP B 75 -10.81 3.91 8.30
N LEU B 76 -9.95 4.46 9.15
CA LEU B 76 -8.60 4.80 8.72
C LEU B 76 -7.83 3.55 8.28
N THR B 77 -8.08 2.44 8.96
CA THR B 77 -7.48 1.16 8.62
C THR B 77 -7.98 0.70 7.25
N GLY B 78 -9.28 0.89 7.01
CA GLY B 78 -9.85 0.60 5.70
C GLY B 78 -9.22 1.40 4.59
N ILE B 79 -8.99 2.69 4.86
CA ILE B 79 -8.33 3.58 3.92
C ILE B 79 -6.88 3.15 3.68
N SER B 80 -6.21 2.73 4.75
CA SER B 80 -4.82 2.28 4.67
C SER B 80 -4.68 1.03 3.79
N ASN B 81 -5.51 0.02 4.07
CA ASN B 81 -5.50 -1.22 3.29
C ASN B 81 -5.90 -1.03 1.83
N ALA B 82 -6.76 -0.04 1.57
CA ALA B 82 -7.31 0.14 0.24
C ALA B 82 -6.28 0.62 -0.77
N THR B 83 -6.50 0.27 -2.04
CA THR B 83 -5.70 0.80 -3.13
C THR B 83 -6.37 2.04 -3.73
N CYS B 84 -7.68 2.14 -3.53
CA CYS B 84 -8.45 3.24 -4.12
C CYS B 84 -9.73 3.51 -3.34
N GLY B 85 -10.25 4.72 -3.50
CA GLY B 85 -11.50 5.10 -2.86
C GLY B 85 -12.62 5.25 -3.88
N VAL B 86 -13.79 4.74 -3.52
CA VAL B 86 -15.00 4.95 -4.31
C VAL B 86 -16.05 5.60 -3.42
N PHE B 87 -16.42 6.84 -3.75
CA PHE B 87 -17.34 7.56 -2.88
C PHE B 87 -18.69 7.84 -3.54
N LEU B 88 -19.73 7.30 -2.92
CA LEU B 88 -21.10 7.53 -3.36
C LEU B 88 -21.49 8.88 -2.81
N TYR B 89 -21.37 9.91 -3.63
CA TYR B 89 -21.31 11.28 -3.15
C TYR B 89 -22.58 12.07 -3.45
N ASP B 90 -23.37 12.30 -2.40
CA ASP B 90 -24.63 13.02 -2.53
C ASP B 90 -24.37 14.51 -2.75
N MET B 91 -24.70 15.00 -3.94
CA MET B 91 -24.50 16.40 -4.27
C MET B 91 -25.60 17.29 -3.69
N ASP B 92 -26.68 16.67 -3.22
CA ASP B 92 -27.80 17.41 -2.63
C ASP B 92 -27.59 17.65 -1.14
N GLN B 93 -27.05 16.66 -0.44
CA GLN B 93 -26.70 16.80 0.96
C GLN B 93 -25.24 16.44 1.18
N LEU B 94 -24.38 17.46 1.26
CA LEU B 94 -22.93 17.24 1.31
C LEU B 94 -22.52 16.56 2.61
N ASP B 95 -21.81 15.44 2.49
CA ASP B 95 -21.33 14.69 3.64
C ASP B 95 -19.86 15.01 3.90
N ASP B 96 -19.59 15.64 5.05
CA ASP B 96 -18.24 16.06 5.36
C ASP B 96 -17.34 14.90 5.80
N GLY B 97 -17.95 13.81 6.28
CA GLY B 97 -17.19 12.61 6.55
C GLY B 97 -16.51 12.08 5.30
N SER B 98 -17.30 11.92 4.25
CA SER B 98 -16.81 11.47 2.95
C SER B 98 -15.75 12.41 2.39
N ALA B 99 -15.97 13.71 2.53
CA ALA B 99 -15.01 14.70 2.05
C ALA B 99 -13.68 14.59 2.81
N PHE B 100 -13.78 14.46 4.13
CA PHE B 100 -12.62 14.19 4.98
C PHE B 100 -11.84 13.00 4.45
N GLU B 101 -12.54 11.91 4.18
CA GLU B 101 -11.90 10.68 3.75
C GLU B 101 -11.24 10.84 2.38
N ILE B 102 -11.88 11.58 1.48
CA ILE B 102 -11.31 11.90 0.17
C ILE B 102 -10.00 12.67 0.32
N GLY B 103 -10.01 13.70 1.16
CA GLY B 103 -8.80 14.45 1.43
C GLY B 103 -7.69 13.60 2.03
N PHE B 104 -8.06 12.73 2.97
CA PHE B 104 -7.12 11.83 3.62
C PHE B 104 -6.46 10.93 2.59
N MET B 105 -7.28 10.33 1.72
CA MET B 105 -6.74 9.42 0.71
C MET B 105 -5.87 10.14 -0.31
N ARG B 106 -6.24 11.36 -0.70
CA ARG B 106 -5.42 12.11 -1.66
C ARG B 106 -4.08 12.54 -1.05
N ALA B 107 -4.09 12.83 0.25
CA ALA B 107 -2.83 13.14 0.93
C ALA B 107 -1.88 11.93 0.94
N MET B 108 -2.45 10.73 0.86
CA MET B 108 -1.67 9.50 0.76
C MET B 108 -1.37 9.14 -0.68
N HIS B 109 -1.73 10.04 -1.60
CA HIS B 109 -1.53 9.87 -3.05
C HIS B 109 -2.36 8.75 -3.67
N LYS B 110 -3.40 8.30 -2.97
CA LYS B 110 -4.25 7.24 -3.51
C LYS B 110 -5.32 7.80 -4.44
N PRO B 111 -5.67 7.04 -5.50
CA PRO B 111 -6.68 7.48 -6.45
C PRO B 111 -8.07 7.48 -5.82
N VAL B 112 -8.92 8.42 -6.23
CA VAL B 112 -10.27 8.52 -5.68
C VAL B 112 -11.28 8.60 -6.80
N ILE B 113 -12.20 7.64 -6.84
CA ILE B 113 -13.29 7.66 -7.80
C ILE B 113 -14.51 8.31 -7.15
N LEU B 114 -14.95 9.43 -7.73
CA LEU B 114 -16.13 10.11 -7.22
C LEU B 114 -17.36 9.65 -8.00
N VAL B 115 -18.40 9.26 -7.28
CA VAL B 115 -19.65 8.84 -7.90
C VAL B 115 -20.77 9.72 -7.37
N PRO B 116 -20.98 10.86 -8.05
CA PRO B 116 -21.94 11.87 -7.57
C PRO B 116 -23.38 11.51 -7.90
N PHE B 117 -24.30 11.80 -6.98
CA PHE B 117 -25.72 11.58 -7.19
C PHE B 117 -26.50 12.86 -6.93
N THR B 118 -27.50 13.12 -7.75
CA THR B 118 -28.41 14.23 -7.50
C THR B 118 -29.84 13.85 -7.91
N GLU B 119 -30.81 14.44 -7.21
CA GLU B 119 -32.21 14.24 -7.57
C GLU B 119 -32.71 15.48 -8.31
N HIS B 120 -31.80 16.38 -8.63
CA HIS B 120 -32.14 17.59 -9.38
C HIS B 120 -31.15 17.88 -10.50
N PRO B 121 -31.15 17.06 -11.57
CA PRO B 121 -30.26 17.34 -12.70
C PRO B 121 -30.60 18.66 -13.41
N GLU B 122 -31.83 19.13 -13.23
CA GLU B 122 -32.26 20.38 -13.84
C GLU B 122 -31.63 21.56 -13.10
N LYS B 123 -31.18 21.31 -11.88
CA LYS B 123 -30.61 22.34 -11.02
C LYS B 123 -29.14 22.59 -11.34
N GLU B 124 -28.59 23.67 -10.78
CA GLU B 124 -27.20 24.05 -11.04
C GLU B 124 -26.20 22.94 -10.81
N LYS B 125 -25.20 22.88 -11.67
CA LYS B 125 -24.15 21.87 -11.57
C LYS B 125 -22.89 22.51 -11.03
N LYS B 126 -22.68 22.41 -9.72
CA LYS B 126 -21.55 23.09 -9.10
C LYS B 126 -20.82 22.16 -8.14
N MET B 127 -19.53 22.40 -7.97
CA MET B 127 -18.68 21.58 -7.11
C MET B 127 -17.59 22.43 -6.45
N ASN B 128 -17.27 22.07 -5.22
CA ASN B 128 -16.15 22.66 -4.51
C ASN B 128 -14.84 22.28 -5.19
N LEU B 129 -13.95 23.26 -5.33
CA LEU B 129 -12.68 23.07 -6.01
C LEU B 129 -11.84 21.91 -5.45
N MET B 130 -11.83 21.76 -4.13
CA MET B 130 -11.00 20.73 -3.51
C MET B 130 -11.47 19.32 -3.88
N ILE B 131 -12.78 19.15 -4.02
CA ILE B 131 -13.33 17.86 -4.45
C ILE B 131 -13.09 17.66 -5.95
N ALA B 132 -13.38 18.70 -6.74
CA ALA B 132 -13.28 18.62 -8.19
C ALA B 132 -11.85 18.35 -8.66
N GLN B 133 -10.88 18.92 -7.95
CA GLN B 133 -9.48 18.76 -8.31
C GLN B 133 -8.83 17.62 -7.53
N GLY B 134 -9.39 17.31 -6.36
CA GLY B 134 -8.86 16.24 -5.55
C GLY B 134 -9.12 14.85 -6.10
N VAL B 135 -10.35 14.61 -6.56
CA VAL B 135 -10.69 13.30 -7.11
C VAL B 135 -9.99 13.10 -8.45
N THR B 136 -9.64 11.84 -8.73
CA THR B 136 -8.85 11.53 -9.92
C THR B 136 -9.70 10.94 -11.04
N THR B 137 -10.83 10.33 -10.67
CA THR B 137 -11.75 9.78 -11.65
C THR B 137 -13.20 10.04 -11.26
N ILE B 138 -13.98 10.59 -12.18
CA ILE B 138 -15.41 10.77 -11.93
C ILE B 138 -16.25 9.78 -12.75
N ILE B 139 -17.21 9.15 -12.08
CA ILE B 139 -18.17 8.27 -12.74
C ILE B 139 -19.56 8.69 -12.26
N ASP B 140 -20.36 9.25 -13.17
CA ASP B 140 -21.65 9.80 -12.79
C ASP B 140 -22.58 8.72 -12.25
N GLY B 141 -23.17 8.98 -11.09
CA GLY B 141 -23.98 7.99 -10.41
C GLY B 141 -25.36 7.84 -11.01
N ASN B 142 -25.91 8.92 -11.53
CA ASN B 142 -27.23 8.90 -12.14
C ASN B 142 -27.27 8.20 -13.50
N THR B 143 -26.18 8.32 -14.27
CA THR B 143 -26.17 7.80 -15.64
C THR B 143 -25.12 6.71 -15.91
N GLU B 144 -24.11 6.59 -15.05
CA GLU B 144 -23.00 5.68 -15.33
C GLU B 144 -22.65 4.75 -14.17
N PHE B 145 -23.55 4.63 -13.21
CA PHE B 145 -23.36 3.80 -12.02
C PHE B 145 -22.81 2.41 -12.38
N GLU B 146 -23.36 1.85 -13.45
CA GLU B 146 -23.06 0.49 -13.86
C GLU B 146 -21.60 0.28 -14.22
N LYS B 147 -20.89 1.37 -14.53
CA LYS B 147 -19.48 1.27 -14.88
C LYS B 147 -18.64 0.75 -13.71
N LEU B 148 -19.20 0.78 -12.50
CA LEU B 148 -18.48 0.22 -11.36
C LEU B 148 -18.22 -1.27 -11.55
N ALA B 149 -19.02 -1.92 -12.41
CA ALA B 149 -18.84 -3.35 -12.66
C ALA B 149 -17.69 -3.68 -13.60
N ASP B 150 -17.30 -2.73 -14.44
CA ASP B 150 -16.30 -2.99 -15.48
C ASP B 150 -15.01 -2.18 -15.32
N TYR B 151 -15.06 -1.12 -14.52
CA TYR B 151 -13.90 -0.26 -14.29
C TYR B 151 -12.70 -1.08 -13.81
N ASN B 152 -11.54 -0.83 -14.39
CA ASN B 152 -10.33 -1.58 -14.05
C ASN B 152 -9.66 -1.03 -12.78
N PHE B 153 -9.98 -1.63 -11.64
CA PHE B 153 -9.45 -1.18 -10.36
C PHE B 153 -8.02 -1.65 -10.09
N ASN B 154 -7.45 -2.42 -11.02
CA ASN B 154 -6.04 -2.74 -10.93
C ASN B 154 -5.17 -1.52 -11.23
N GLU B 155 -5.71 -0.59 -12.01
CA GLU B 155 -4.93 0.54 -12.51
C GLU B 155 -5.60 1.89 -12.31
N CYS B 156 -6.93 1.89 -12.16
CA CYS B 156 -7.71 3.11 -11.92
C CYS B 156 -7.35 4.26 -12.88
N PRO B 157 -7.63 4.10 -14.18
CA PRO B 157 -7.33 5.17 -15.14
C PRO B 157 -8.05 6.47 -14.79
N SER B 158 -7.36 7.59 -14.96
CA SER B 158 -7.90 8.89 -14.58
C SER B 158 -9.04 9.36 -15.47
N ASN B 159 -9.87 10.25 -14.94
CA ASN B 159 -10.91 10.93 -15.69
C ASN B 159 -11.35 12.18 -14.92
N PRO B 160 -10.68 13.31 -15.21
CA PRO B 160 -10.84 14.55 -14.45
C PRO B 160 -12.26 15.11 -14.51
N VAL B 161 -12.69 15.75 -13.42
CA VAL B 161 -14.01 16.35 -13.35
C VAL B 161 -14.13 17.54 -14.30
N ARG B 162 -15.14 17.49 -15.15
CA ARG B 162 -15.43 18.55 -16.12
C ARG B 162 -16.92 18.75 -16.24
N GLY B 163 -17.35 19.95 -16.60
CA GLY B 163 -18.77 20.22 -16.77
C GLY B 163 -19.44 20.70 -15.48
N TYR B 164 -18.64 20.84 -14.42
CA TYR B 164 -19.14 21.41 -13.18
C TYR B 164 -18.58 22.81 -12.99
N GLY B 165 -19.46 23.74 -12.63
CA GLY B 165 -19.00 25.05 -12.22
C GLY B 165 -18.24 24.87 -10.92
N ILE B 166 -17.22 25.68 -10.70
CA ILE B 166 -16.36 25.46 -9.54
C ILE B 166 -16.32 26.64 -8.58
N TYR B 167 -16.62 26.36 -7.31
CA TYR B 167 -16.54 27.38 -6.27
C TYR B 167 -15.63 26.96 -5.13
N MET C 1 -16.04 -6.44 3.30
CA MET C 1 -16.77 -7.59 2.79
C MET C 1 -15.86 -8.80 2.65
N LYS C 2 -16.41 -9.91 2.18
CA LYS C 2 -15.63 -11.12 1.95
C LYS C 2 -14.65 -10.93 0.79
N ALA C 3 -13.39 -11.23 1.05
CA ALA C 3 -12.33 -10.98 0.06
C ALA C 3 -12.36 -12.04 -1.03
N VAL C 4 -12.07 -11.62 -2.26
CA VAL C 4 -12.06 -12.55 -3.39
C VAL C 4 -10.80 -13.41 -3.34
N VAL C 5 -9.69 -12.78 -2.99
CA VAL C 5 -8.44 -13.47 -2.70
C VAL C 5 -7.90 -12.89 -1.39
N PRO C 6 -7.07 -13.67 -0.67
CA PRO C 6 -6.49 -13.10 0.55
C PRO C 6 -5.63 -11.87 0.25
N THR C 7 -5.74 -10.84 1.09
CA THR C 7 -5.05 -9.58 0.85
C THR C 7 -4.14 -9.20 2.01
N GLY C 8 -4.29 -9.92 3.12
CA GLY C 8 -3.48 -9.68 4.29
C GLY C 8 -1.99 -9.89 4.04
N LYS C 9 -1.20 -8.85 4.28
CA LYS C 9 0.24 -8.98 4.19
C LYS C 9 0.87 -8.53 5.50
N ILE C 10 1.38 -9.50 6.26
CA ILE C 10 1.79 -9.27 7.63
C ILE C 10 3.30 -9.03 7.75
N TYR C 11 3.66 -7.96 8.44
CA TYR C 11 5.02 -7.79 8.94
C TYR C 11 5.06 -8.31 10.37
N LEU C 12 5.78 -9.40 10.57
CA LEU C 12 5.86 -10.03 11.89
C LEU C 12 7.12 -9.57 12.62
N GLY C 13 6.94 -8.70 13.60
CA GLY C 13 8.05 -8.13 14.34
C GLY C 13 8.27 -8.85 15.65
N SER C 14 9.50 -9.28 15.89
CA SER C 14 9.84 -10.01 17.10
C SER C 14 11.35 -10.11 17.28
N PRO C 15 11.81 -10.09 18.54
CA PRO C 15 13.21 -10.43 18.84
C PRO C 15 13.46 -11.90 18.55
N PHE C 16 14.70 -12.27 18.24
CA PHE C 16 14.96 -13.65 17.83
C PHE C 16 16.29 -14.22 18.32
N TYR C 17 16.67 -13.92 19.56
CA TYR C 17 17.91 -14.45 20.10
C TYR C 17 17.64 -15.69 20.94
N SER C 18 16.96 -15.48 22.05
CA SER C 18 16.72 -16.54 23.03
C SER C 18 15.71 -17.60 22.58
N ASP C 19 15.77 -18.76 23.24
CA ASP C 19 14.68 -19.71 23.17
C ASP C 19 13.48 -19.00 23.81
N ALA C 20 12.28 -19.50 23.52
CA ALA C 20 10.99 -18.88 23.91
C ALA C 20 10.64 -17.79 22.90
N GLN C 21 11.57 -16.88 22.62
CA GLN C 21 11.36 -15.88 21.57
C GLN C 21 11.25 -16.58 20.23
N ARG C 22 12.21 -17.46 19.96
CA ARG C 22 12.26 -18.24 18.73
C ARG C 22 11.04 -19.17 18.66
N GLU C 23 10.67 -19.70 19.81
CA GLU C 23 9.52 -20.59 19.91
C GLU C 23 8.24 -19.82 19.65
N ARG C 24 8.11 -18.66 20.27
CA ARG C 24 7.00 -17.74 20.03
C ARG C 24 6.85 -17.43 18.55
N ALA C 25 7.94 -17.02 17.93
CA ALA C 25 7.95 -16.67 16.51
C ALA C 25 7.49 -17.85 15.65
N ALA C 26 8.02 -19.04 15.95
CA ALA C 26 7.65 -20.24 15.19
C ALA C 26 6.16 -20.56 15.30
N LYS C 27 5.65 -20.52 16.53
CA LYS C 27 4.23 -20.79 16.78
C LYS C 27 3.36 -19.76 16.09
N ALA C 28 3.79 -18.51 16.14
CA ALA C 28 3.11 -17.42 15.45
C ALA C 28 3.04 -17.72 13.96
N LYS C 29 4.16 -18.16 13.40
CA LYS C 29 4.23 -18.51 11.99
C LYS C 29 3.21 -19.59 11.61
N GLU C 30 3.16 -20.65 12.42
CA GLU C 30 2.20 -21.72 12.13
C GLU C 30 0.75 -21.22 12.19
N LEU C 31 0.46 -20.47 13.25
CA LEU C 31 -0.89 -19.93 13.44
C LEU C 31 -1.29 -19.05 12.25
N LEU C 32 -0.39 -18.19 11.82
CA LEU C 32 -0.67 -17.30 10.70
C LEU C 32 -0.84 -18.10 9.41
N ALA C 33 -0.03 -19.14 9.25
CA ALA C 33 -0.13 -20.03 8.10
C ALA C 33 -1.49 -20.71 8.04
N LYS C 34 -2.16 -20.79 9.17
CA LYS C 34 -3.50 -21.39 9.19
C LYS C 34 -4.61 -20.38 8.85
N ASN C 35 -4.24 -19.12 8.67
CA ASN C 35 -5.23 -18.06 8.45
C ASN C 35 -5.51 -17.79 6.97
N PRO C 36 -6.77 -17.99 6.55
CA PRO C 36 -7.18 -17.84 5.15
C PRO C 36 -7.25 -16.40 4.65
N SER C 37 -7.09 -15.43 5.54
CA SER C 37 -7.12 -14.01 5.16
C SER C 37 -5.75 -13.50 4.74
N ILE C 38 -4.72 -14.33 4.94
CA ILE C 38 -3.34 -13.89 4.76
C ILE C 38 -2.77 -14.27 3.39
N ALA C 39 -2.27 -13.28 2.67
CA ALA C 39 -1.62 -13.49 1.38
C ALA C 39 -0.12 -13.74 1.54
N HIS C 40 0.47 -13.09 2.55
CA HIS C 40 1.92 -13.17 2.75
C HIS C 40 2.32 -12.78 4.16
N VAL C 41 3.36 -13.43 4.67
CA VAL C 41 3.93 -13.09 5.96
C VAL C 41 5.42 -12.84 5.79
N PHE C 42 5.89 -11.71 6.30
CA PHE C 42 7.32 -11.42 6.26
C PHE C 42 7.88 -11.47 7.67
N PHE C 43 8.93 -12.25 7.86
CA PHE C 43 9.62 -12.32 9.14
C PHE C 43 11.08 -11.99 8.89
N PRO C 44 11.55 -10.88 9.47
CA PRO C 44 12.87 -10.30 9.20
C PRO C 44 14.03 -11.29 9.33
N PHE C 45 13.94 -12.21 10.29
CA PHE C 45 15.06 -13.09 10.60
C PHE C 45 15.15 -14.34 9.71
N ASP C 46 14.13 -14.57 8.90
CA ASP C 46 14.11 -15.72 8.00
C ASP C 46 15.31 -15.70 7.06
N ASP C 47 15.36 -14.70 6.19
CA ASP C 47 16.46 -14.56 5.24
C ASP C 47 17.64 -13.86 5.88
N GLY C 48 18.44 -13.18 5.05
CA GLY C 48 19.60 -12.46 5.54
C GLY C 48 20.54 -12.01 4.45
N PHE C 49 21.15 -10.84 4.63
CA PHE C 49 22.08 -10.30 3.67
C PHE C 49 23.47 -10.78 4.02
N THR C 50 24.25 -11.11 3.00
CA THR C 50 25.62 -11.55 3.19
C THR C 50 26.53 -10.56 2.50
N ASP C 51 27.37 -9.87 3.28
CA ASP C 51 28.33 -8.93 2.72
C ASP C 51 29.62 -9.68 2.37
N PRO C 52 29.90 -9.79 1.07
CA PRO C 52 31.10 -10.49 0.58
C PRO C 52 32.38 -9.94 1.21
N ASP C 53 32.38 -8.65 1.50
CA ASP C 53 33.54 -7.98 2.10
C ASP C 53 33.56 -8.09 3.62
N GLU C 54 32.59 -8.79 4.20
CA GLU C 54 32.53 -8.93 5.66
C GLU C 54 33.23 -10.20 6.14
N LYS C 55 34.28 -10.02 6.93
CA LYS C 55 35.07 -11.13 7.46
C LYS C 55 34.70 -11.48 8.91
N ASN C 56 34.47 -12.77 9.15
CA ASN C 56 34.21 -13.31 10.49
C ASN C 56 33.15 -12.56 11.30
N PRO C 57 31.92 -12.44 10.74
CA PRO C 57 30.85 -11.68 11.39
C PRO C 57 30.26 -12.43 12.57
N GLU C 58 29.86 -11.70 13.61
CA GLU C 58 29.33 -12.35 14.81
C GLU C 58 27.83 -12.09 14.92
N ILE C 59 27.45 -11.40 15.98
CA ILE C 59 26.09 -10.93 16.21
C ILE C 59 26.21 -10.03 17.42
N GLY C 60 27.38 -10.10 18.04
CA GLY C 60 27.75 -9.23 19.15
C GLY C 60 27.37 -7.78 18.94
N GLY C 61 28.06 -7.07 18.03
CA GLY C 61 29.11 -7.62 17.20
C GLY C 61 29.30 -6.68 16.01
N ILE C 62 30.46 -6.03 15.91
CA ILE C 62 30.64 -4.97 14.93
C ILE C 62 30.35 -5.49 13.53
N ARG C 63 29.35 -4.88 12.90
CA ARG C 63 28.93 -5.28 11.56
C ARG C 63 29.29 -4.20 10.55
N SER C 64 29.54 -4.61 9.31
CA SER C 64 29.85 -3.67 8.25
C SER C 64 28.65 -2.76 7.96
N MET C 65 28.91 -1.56 7.49
CA MET C 65 27.84 -0.60 7.17
C MET C 65 26.98 -1.08 6.01
N VAL C 66 27.59 -1.81 5.07
CA VAL C 66 26.86 -2.40 3.96
C VAL C 66 25.82 -3.41 4.46
N TRP C 67 26.23 -4.29 5.37
CA TRP C 67 25.32 -5.27 5.95
C TRP C 67 24.20 -4.61 6.74
N ARG C 68 24.57 -3.60 7.52
CA ARG C 68 23.63 -2.85 8.34
C ARG C 68 22.57 -2.20 7.45
N ASP C 69 23.02 -1.51 6.40
CA ASP C 69 22.14 -0.85 5.45
C ASP C 69 21.21 -1.85 4.78
N ALA C 70 21.78 -2.94 4.28
CA ALA C 70 21.00 -3.92 3.55
C ALA C 70 19.93 -4.59 4.42
N THR C 71 20.27 -4.87 5.68
CA THR C 71 19.35 -5.56 6.58
C THR C 71 18.25 -4.60 7.04
N TYR C 72 18.65 -3.40 7.47
CA TYR C 72 17.72 -2.36 7.87
C TYR C 72 16.73 -2.06 6.73
N GLN C 73 17.26 -1.95 5.52
CA GLN C 73 16.43 -1.69 4.35
C GLN C 73 15.51 -2.86 4.03
N ASN C 74 16.00 -4.08 4.22
CA ASN C 74 15.14 -5.25 4.05
C ASN C 74 13.93 -5.17 4.98
N ASP C 75 14.18 -4.74 6.21
CA ASP C 75 13.08 -4.55 7.16
C ASP C 75 12.11 -3.44 6.76
N LEU C 76 12.65 -2.28 6.38
CA LEU C 76 11.78 -1.18 5.94
C LEU C 76 10.96 -1.56 4.71
N THR C 77 11.56 -2.35 3.83
CA THR C 77 10.88 -2.86 2.65
C THR C 77 9.75 -3.80 3.07
N GLY C 78 10.03 -4.62 4.07
CA GLY C 78 8.99 -5.48 4.63
C GLY C 78 7.82 -4.69 5.19
N ILE C 79 8.12 -3.60 5.90
CA ILE C 79 7.09 -2.72 6.43
C ILE C 79 6.30 -2.03 5.30
N SER C 80 7.01 -1.60 4.26
CA SER C 80 6.38 -0.95 3.11
C SER C 80 5.40 -1.88 2.40
N ASN C 81 5.87 -3.08 2.09
CA ASN C 81 5.05 -4.09 1.41
C ASN C 81 3.84 -4.54 2.25
N ALA C 82 4.00 -4.51 3.56
CA ALA C 82 2.98 -5.02 4.47
C ALA C 82 1.73 -4.16 4.50
N THR C 83 0.58 -4.79 4.78
CA THR C 83 -0.65 -4.07 5.03
C THR C 83 -0.86 -3.82 6.52
N CYS C 84 -0.23 -4.64 7.35
CA CYS C 84 -0.39 -4.55 8.80
C CYS C 84 0.80 -5.16 9.54
N GLY C 85 0.97 -4.75 10.79
CA GLY C 85 2.03 -5.28 11.63
C GLY C 85 1.50 -6.17 12.74
N VAL C 86 2.19 -7.28 12.97
CA VAL C 86 1.90 -8.15 14.10
C VAL C 86 3.16 -8.29 14.93
N PHE C 87 3.13 -7.78 16.16
CA PHE C 87 4.33 -7.77 16.99
C PHE C 87 4.23 -8.66 18.21
N LEU C 88 5.12 -9.64 18.28
CA LEU C 88 5.23 -10.55 19.41
C LEU C 88 6.01 -9.80 20.48
N TYR C 89 5.28 -9.19 21.41
CA TYR C 89 5.85 -8.11 22.22
C TYR C 89 6.11 -8.54 23.66
N ASP C 90 7.37 -8.73 23.99
CA ASP C 90 7.78 -9.15 25.33
C ASP C 90 7.66 -7.99 26.30
N MET C 91 6.72 -8.08 27.24
CA MET C 91 6.50 -7.03 28.22
C MET C 91 7.51 -7.09 29.37
N ASP C 92 8.23 -8.19 29.45
CA ASP C 92 9.24 -8.36 30.50
C ASP C 92 10.57 -7.79 30.06
N GLN C 93 10.89 -7.95 28.78
CA GLN C 93 12.10 -7.35 28.21
C GLN C 93 11.72 -6.52 26.99
N LEU C 94 11.63 -5.21 27.20
CA LEU C 94 11.14 -4.31 26.15
C LEU C 94 12.14 -4.20 25.00
N ASP C 95 11.64 -4.49 23.79
CA ASP C 95 12.46 -4.43 22.58
C ASP C 95 12.24 -3.12 21.84
N ASP C 96 13.27 -2.30 21.78
CA ASP C 96 13.14 -0.98 21.16
C ASP C 96 13.11 -1.05 19.63
N GLY C 97 13.64 -2.12 19.06
CA GLY C 97 13.50 -2.35 17.63
C GLY C 97 12.04 -2.47 17.22
N SER C 98 11.32 -3.34 17.92
CA SER C 98 9.90 -3.54 17.68
C SER C 98 9.11 -2.25 17.87
N ALA C 99 9.44 -1.49 18.91
CA ALA C 99 8.78 -0.22 19.18
C ALA C 99 9.04 0.79 18.06
N PHE C 100 10.29 0.87 17.60
CA PHE C 100 10.66 1.66 16.44
C PHE C 100 9.76 1.32 15.26
N GLU C 101 9.63 0.01 15.00
CA GLU C 101 8.86 -0.45 13.86
C GLU C 101 7.37 -0.13 13.99
N ILE C 102 6.84 -0.25 15.20
CA ILE C 102 5.45 0.11 15.49
C ILE C 102 5.20 1.60 15.21
N GLY C 103 6.09 2.45 15.70
CA GLY C 103 5.98 3.88 15.44
C GLY C 103 6.06 4.19 13.95
N PHE C 104 6.98 3.52 13.27
CA PHE C 104 7.15 3.69 11.83
C PHE C 104 5.87 3.34 11.08
N MET C 105 5.29 2.19 11.41
CA MET C 105 4.07 1.74 10.74
C MET C 105 2.89 2.64 11.04
N ARG C 106 2.80 3.14 12.27
CA ARG C 106 1.70 4.04 12.63
C ARG C 106 1.83 5.38 11.92
N ALA C 107 3.06 5.85 11.71
CA ALA C 107 3.26 7.08 10.94
C ALA C 107 2.80 6.91 9.50
N MET C 108 2.83 5.67 9.00
CA MET C 108 2.33 5.36 7.66
C MET C 108 0.85 5.06 7.67
N HIS C 109 0.22 5.24 8.83
CA HIS C 109 -1.22 4.99 9.04
C HIS C 109 -1.61 3.52 8.91
N LYS C 110 -0.64 2.62 9.00
CA LYS C 110 -0.95 1.19 8.92
C LYS C 110 -1.39 0.65 10.28
N PRO C 111 -2.31 -0.32 10.27
CA PRO C 111 -2.79 -0.93 11.52
C PRO C 111 -1.71 -1.80 12.16
N VAL C 112 -1.69 -1.83 13.49
CA VAL C 112 -0.70 -2.62 14.21
C VAL C 112 -1.38 -3.50 15.25
N ILE C 113 -1.18 -4.80 15.11
CA ILE C 113 -1.69 -5.75 16.10
C ILE C 113 -0.59 -6.05 17.12
N LEU C 114 -0.86 -5.71 18.37
CA LEU C 114 0.10 -5.98 19.44
C LEU C 114 -0.23 -7.31 20.11
N VAL C 115 0.77 -8.16 20.24
CA VAL C 115 0.60 -9.44 20.90
C VAL C 115 1.56 -9.53 22.09
N PRO C 116 1.12 -9.02 23.25
CA PRO C 116 2.02 -8.92 24.40
C PRO C 116 2.20 -10.25 25.14
N PHE C 117 3.42 -10.51 25.62
CA PHE C 117 3.73 -11.70 26.40
C PHE C 117 4.41 -11.33 27.71
N THR C 118 4.05 -12.02 28.78
CA THR C 118 4.76 -11.88 30.04
C THR C 118 4.84 -13.21 30.77
N GLU C 119 5.93 -13.40 31.50
CA GLU C 119 6.07 -14.56 32.38
C GLU C 119 5.88 -14.15 33.82
N HIS C 120 5.41 -12.92 34.02
CA HIS C 120 5.12 -12.44 35.35
C HIS C 120 3.76 -11.75 35.45
N PRO C 121 2.67 -12.53 35.34
CA PRO C 121 1.31 -11.99 35.52
C PRO C 121 1.10 -11.47 36.95
N GLU C 122 1.94 -11.89 37.88
CA GLU C 122 1.84 -11.44 39.27
C GLU C 122 2.28 -9.98 39.38
N LYS C 123 3.06 -9.53 38.40
CA LYS C 123 3.60 -8.18 38.42
C LYS C 123 2.60 -7.18 37.84
N GLU C 124 2.85 -5.90 38.10
CA GLU C 124 1.97 -4.84 37.63
C GLU C 124 1.74 -4.87 36.12
N LYS C 125 0.52 -4.52 35.71
CA LYS C 125 0.14 -4.54 34.30
C LYS C 125 0.21 -3.12 33.79
N LYS C 126 1.33 -2.77 33.15
CA LYS C 126 1.57 -1.40 32.74
C LYS C 126 2.10 -1.30 31.31
N MET C 127 1.84 -0.17 30.67
CA MET C 127 2.28 0.03 29.30
C MET C 127 2.60 1.51 29.04
N ASN C 128 3.61 1.72 28.20
CA ASN C 128 3.95 3.05 27.74
C ASN C 128 2.80 3.60 26.91
N LEU C 129 2.47 4.87 27.14
CA LEU C 129 1.35 5.51 26.46
C LEU C 129 1.44 5.42 24.93
N MET C 130 2.64 5.58 24.39
CA MET C 130 2.80 5.61 22.94
C MET C 130 2.48 4.26 22.32
N ILE C 131 2.79 3.18 23.03
CA ILE C 131 2.44 1.84 22.58
C ILE C 131 0.95 1.58 22.75
N ALA C 132 0.43 1.92 23.93
CA ALA C 132 -0.96 1.65 24.26
C ALA C 132 -1.93 2.38 23.35
N GLN C 133 -1.57 3.59 22.93
CA GLN C 133 -2.42 4.39 22.06
C GLN C 133 -2.04 4.21 20.59
N GLY C 134 -0.79 3.84 20.34
CA GLY C 134 -0.32 3.65 18.99
C GLY C 134 -0.88 2.41 18.33
N VAL C 135 -0.91 1.30 19.05
CA VAL C 135 -1.42 0.06 18.48
C VAL C 135 -2.93 0.16 18.31
N THR C 136 -3.44 -0.51 17.28
CA THR C 136 -4.85 -0.40 16.93
C THR C 136 -5.64 -1.64 17.36
N THR C 137 -4.94 -2.75 17.51
CA THR C 137 -5.56 -4.00 17.97
C THR C 137 -4.65 -4.75 18.94
N ILE C 138 -5.20 -5.12 20.10
CA ILE C 138 -4.46 -5.96 21.04
C ILE C 138 -5.01 -7.39 21.07
N ILE C 139 -4.09 -8.35 21.02
CA ILE C 139 -4.43 -9.76 21.18
C ILE C 139 -3.45 -10.36 22.18
N ASP C 140 -3.94 -10.73 23.36
CA ASP C 140 -3.06 -11.19 24.42
C ASP C 140 -2.36 -12.48 24.02
N GLY C 141 -1.04 -12.49 24.18
CA GLY C 141 -0.24 -13.62 23.72
C GLY C 141 -0.32 -14.81 24.65
N ASN C 142 -0.47 -14.54 25.95
CA ASN C 142 -0.57 -15.59 26.95
C ASN C 142 -1.91 -16.31 26.94
N THR C 143 -2.99 -15.60 26.62
CA THR C 143 -4.33 -16.18 26.71
C THR C 143 -5.09 -16.27 25.39
N GLU C 144 -4.67 -15.54 24.37
CA GLU C 144 -5.43 -15.46 23.12
C GLU C 144 -4.57 -15.66 21.86
N PHE C 145 -3.36 -16.19 22.01
CA PHE C 145 -2.44 -16.40 20.90
C PHE C 145 -3.11 -17.04 19.69
N GLU C 146 -4.01 -17.99 19.94
CA GLU C 146 -4.65 -18.76 18.89
C GLU C 146 -5.52 -17.93 17.93
N LYS C 147 -5.91 -16.74 18.36
CA LYS C 147 -6.73 -15.86 17.54
C LYS C 147 -6.04 -15.39 16.26
N LEU C 148 -4.71 -15.47 16.22
CA LEU C 148 -3.97 -15.11 15.01
C LEU C 148 -4.35 -15.99 13.82
N ALA C 149 -4.88 -17.17 14.10
CA ALA C 149 -5.29 -18.10 13.05
C ALA C 149 -6.64 -17.71 12.45
N ASP C 150 -7.42 -16.94 13.19
CA ASP C 150 -8.80 -16.65 12.80
C ASP C 150 -9.03 -15.18 12.47
N TYR C 151 -8.14 -14.31 12.94
CA TYR C 151 -8.25 -12.87 12.74
C TYR C 151 -8.35 -12.48 11.27
N ASN C 152 -9.28 -11.60 10.93
CA ASN C 152 -9.45 -11.17 9.55
C ASN C 152 -8.48 -10.05 9.20
N PHE C 153 -7.34 -10.45 8.61
CA PHE C 153 -6.29 -9.51 8.24
C PHE C 153 -6.59 -8.75 6.96
N ASN C 154 -7.72 -9.05 6.33
CA ASN C 154 -8.19 -8.26 5.19
C ASN C 154 -8.67 -6.89 5.63
N GLU C 155 -9.11 -6.80 6.88
CA GLU C 155 -9.77 -5.59 7.37
C GLU C 155 -9.20 -5.11 8.70
N CYS C 156 -8.56 -6.02 9.44
CA CYS C 156 -7.92 -5.69 10.72
C CYS C 156 -8.77 -4.83 11.64
N PRO C 157 -9.91 -5.37 12.12
CA PRO C 157 -10.79 -4.62 13.02
C PRO C 157 -10.09 -4.16 14.29
N SER C 158 -10.41 -2.95 14.75
CA SER C 158 -9.72 -2.37 15.89
C SER C 158 -10.12 -3.06 17.20
N ASN C 159 -9.24 -2.94 18.19
CA ASN C 159 -9.51 -3.41 19.55
C ASN C 159 -8.53 -2.71 20.47
N PRO C 160 -8.94 -1.54 20.99
CA PRO C 160 -8.07 -0.65 21.75
C PRO C 160 -7.52 -1.29 23.02
N VAL C 161 -6.29 -0.94 23.39
CA VAL C 161 -5.68 -1.46 24.60
C VAL C 161 -6.40 -0.95 25.84
N ARG C 162 -6.83 -1.88 26.69
CA ARG C 162 -7.48 -1.52 27.95
C ARG C 162 -7.03 -2.46 29.05
N GLY C 163 -7.09 -2.00 30.30
CA GLY C 163 -6.72 -2.84 31.43
C GLY C 163 -5.26 -2.72 31.81
N TYR C 164 -4.54 -1.84 31.14
CA TYR C 164 -3.15 -1.58 31.50
C TYR C 164 -3.01 -0.21 32.16
N GLY C 165 -2.28 -0.16 33.27
CA GLY C 165 -1.92 1.13 33.84
C GLY C 165 -1.03 1.77 32.80
N ILE C 166 -1.12 3.09 32.65
CA ILE C 166 -0.39 3.75 31.58
C ILE C 166 0.59 4.80 32.08
N TYR C 167 1.84 4.65 31.66
CA TYR C 167 2.87 5.62 32.03
C TYR C 167 3.55 6.19 30.78
S SO4 D . -3.22 -9.12 -3.40
O1 SO4 D . -2.85 -8.92 -4.80
O2 SO4 D . -2.77 -10.44 -2.97
O3 SO4 D . -2.58 -8.10 -2.58
O4 SO4 D . -4.67 -9.03 -3.26
C4 28Y E . 3.73 9.92 -21.40
C4 28Y E . 3.73 9.12 -19.61
C4 28Y E . 4.58 10.38 -21.01
C4 28Y E . 5.04 10.47 -20.38
C5 28Y E . 4.87 10.64 -21.07
C5 28Y E . 3.04 9.11 -20.81
C5 28Y E . 3.50 9.52 -20.85
C5 28Y E . 4.60 9.65 -19.35
C6 28Y E . 5.46 10.49 -19.82
C6 28Y E . 3.47 9.90 -21.88
C6 28Y E . 3.31 8.85 -19.65
C6 28Y E . 3.47 8.86 -19.53
C8 28Y E . 4.29 11.14 -23.08
C8 28Y E . 2.07 7.78 -19.45
C8 28Y E . 3.41 10.35 -22.83
C8 28Y E . 6.37 10.68 -18.69
N1 28Y E . 4.90 9.63 -18.89
N1 28Y E . 4.61 10.71 -21.74
N1 28Y E . 4.22 9.04 -18.60
N1 28Y E . 2.77 8.89 -20.73
N2 28Y E . 3.02 8.03 -18.55
N2 28Y E . 6.38 11.38 -20.12
N2 28Y E . 6.30 10.24 -17.95
N2 28Y E . 2.75 9.94 -22.99
N3 28Y E . 3.16 9.05 -20.47
N3 28Y E . 4.87 9.94 -19.47
N3 28Y E . 5.49 10.57 -19.97
N3 28Y E . 4.35 10.50 -21.60
O6 28Y E . 6.48 11.14 -19.55
O6 28Y E . 2.85 9.88 -22.94
O6 28Y E . 2.36 8.10 -19.51
O6 28Y E . 3.09 8.14 -18.62
N7 28Y E . 5.19 11.38 -22.12
N7 28Y E . 2.03 8.27 -20.68
N7 28Y E . 2.80 9.53 -21.98
N7 28Y E . 5.44 9.80 -18.33
N9 28Y E . 3.40 10.25 -22.64
N9 28Y E . 3.10 8.29 -18.80
N9 28Y E . 4.49 10.87 -22.25
N9 28Y E . 6.13 11.09 -19.94
CAD 28Y E . 2.11 8.25 -20.50
CAD 28Y E . 5.71 10.16 -18.46
CAD 28Y E . 6.59 11.30 -19.84
CAD 28Y E . 4.53 11.17 -22.73
CAB 28Y E . 2.02 7.64 -19.33
CAB 28Y E . 6.63 11.03 -18.86
CAB 28Y E . 7.08 11.11 -18.61
CAB 28Y E . 3.55 10.83 -23.58
C2 28Y E . 3.75 8.91 -19.21
C2 28Y E . 5.30 10.73 -20.53
C2 28Y E . 5.31 9.90 -18.77
C2 28Y E . 3.21 9.71 -21.77
C4 28Y F . 18.76 -8.65 12.40
C4 28Y F . 16.92 -7.68 11.96
C4 28Y F . -20.18 5.05 11.86
C4 28Y F . -20.04 5.41 11.69
C5 28Y F . 18.68 -7.77 13.48
C5 28Y F . 17.98 -8.57 11.86
C5 28Y F . -20.29 6.42 11.64
C5 28Y F . -19.07 5.58 10.72
C6 28Y F . 17.61 -6.89 13.57
C6 28Y F . 18.97 -8.60 12.83
C6 28Y F . -19.43 7.05 10.76
C6 28Y F . -18.41 4.47 10.20
C8 28Y F . 20.47 -8.93 13.67
C8 28Y F . 16.68 -8.85 10.17
C8 28Y F . -21.79 5.83 13.07
C8 28Y F . -19.85 7.51 11.24
N1 28Y F . 16.60 -6.90 12.61
N1 28Y F . 18.91 -7.73 13.93
N1 28Y F . -18.45 6.31 10.09
N1 28Y F . -18.70 3.19 10.66
N2 28Y F . 15.90 -8.02 10.50
N2 28Y F . 17.53 -5.91 14.94
N2 28Y F . -17.54 4.02 9.82
N2 28Y F . -20.16 1.95 12.25
N3 28Y F . 17.77 -8.67 11.44
N3 28Y F . 16.85 -6.80 13.05
N3 28Y F . -19.21 4.31 11.20
N3 28Y F . -20.34 4.13 12.16
O6 28Y F . 17.55 -6.11 14.52
O6 28Y F . 19.91 -9.39 12.73
O6 28Y F . -19.53 8.26 10.57
O6 28Y F . -17.54 4.63 9.33
N7 28Y F . 19.75 -7.97 14.23
N7 28Y F . 17.80 -9.27 10.75
N7 28Y F . -21.28 6.87 12.40
N7 28Y F . -18.97 6.88 10.46
N9 28Y F . 19.88 -9.36 12.56
N9 28Y F . 16.15 -7.88 10.91
N9 28Y F . -21.12 4.72 12.74
N9 28Y F . -20.50 6.62 11.99
CAD 28Y F . 17.57 -9.39 10.34
CAD 28Y F . 15.98 -5.87 13.41
CAD 28Y F . -18.89 3.02 11.21
CAD 28Y F . -21.20 3.68 13.07
CAB 28Y F . 16.44 -8.99 9.77
CAB 28Y F . 16.39 -5.33 14.55
CAB 28Y F . -17.86 2.84 10.38
CAB 28Y F . -21.08 2.35 13.12
C2 28Y F . 16.69 -7.79 11.54
C2 28Y F . 17.84 -6.83 14.03
C2 28Y F . -18.35 4.94 10.31
C2 28Y F . -19.68 3.03 11.64
C4 28Y G . -20.13 5.13 11.81
C4 28Y G . -18.57 5.08 10.47
C4 28Y G . 17.94 -7.32 13.29
C4 28Y G . 18.00 -7.55 13.13
C5 28Y G . -20.20 6.49 11.55
C5 28Y G . -19.45 4.47 11.35
C5 28Y G . 16.93 -7.35 12.35
C5 28Y G . 16.94 -7.42 12.25
C6 28Y G . -19.33 7.08 10.65
C6 28Y G . -20.42 5.22 11.99
C6 28Y G . 16.96 -8.25 11.30
C6 28Y G . 16.84 -8.23 11.14
C8 28Y G . -21.71 5.99 12.99
C8 28Y G . -18.12 2.98 10.57
C8 28Y G . 16.48 -5.81 13.79
C8 28Y G . 16.71 -5.98 13.84
N1 28Y G . -18.37 6.31 9.99
N1 28Y G . -20.52 6.60 11.76
N1 28Y G . 18.03 -9.15 11.18
N1 28Y G . 17.81 -9.20 10.89
N2 28Y G . -17.50 3.99 9.80
N2 28Y G . -19.50 8.47 10.48
N2 28Y G . 20.17 -9.84 12.26
N2 28Y G . 19.93 -10.17 11.78
N3 28Y G . -19.18 4.35 11.17
N3 28Y G . -18.65 6.47 10.23
N3 28Y G . 19.02 -8.22 13.18
N3 28Y G . 18.98 -8.53 12.89
O6 28Y G . -19.40 8.29 10.42
O6 28Y G . -21.20 4.68 12.77
O6 28Y G . 16.05 -8.27 10.48
O6 28Y G . 15.89 -8.10 10.37
N7 28Y G . -21.19 6.99 12.29
N7 28Y G . -19.15 3.18 11.39
N7 28Y G . 16.05 -6.41 12.69
N7 28Y G . 16.16 -6.44 12.72
N9 28Y G . -21.07 4.85 12.70
N9 28Y G . -17.76 4.13 10.02
N9 28Y G . 17.64 -6.37 14.16
N9 28Y G . 17.83 -6.66 14.10
CAD 28Y G . -18.88 3.05 11.21
CAD 28Y G . -17.97 7.30 9.46
CAD 28Y G . 20.12 -8.43 13.91
CAD 28Y G . 20.09 -8.90 13.53
CAB 28Y G . -17.86 2.84 10.39
CAB 28Y G . -18.49 8.52 9.61
CAB 28Y G . 20.81 -9.41 13.35
CAB 28Y G . 20.66 -9.89 12.85
C2 28Y G . -18.30 4.94 10.26
C2 28Y G . -19.64 7.21 10.87
C2 28Y G . 19.07 -9.13 12.13
C2 28Y G . 18.88 -9.35 11.76
S SO4 H . -0.95 -3.26 -1.18
O1 SO4 H . -0.96 -2.25 -2.23
O2 SO4 H . -1.40 -4.53 -1.71
O3 SO4 H . 0.40 -3.40 -0.65
O4 SO4 H . -1.84 -2.85 -0.09
#